data_4KKI
#
_entry.id   4KKI
#
_cell.length_a   149.890
_cell.length_b   149.890
_cell.length_c   57.490
_cell.angle_alpha   90.00
_cell.angle_beta   90.00
_cell.angle_gamma   120.00
#
_symmetry.space_group_name_H-M   'P 64'
#
loop_
_entity.id
_entity.type
_entity.pdbx_description
1 polymer Transcobalamin-1
2 non-polymer 2-acetamido-2-deoxy-beta-D-glucopyranose
3 non-polymer CYANOCOBALAMIN
4 non-polymer 'CALCIUM ION'
5 non-polymer DI(HYDROXYETHYL)ETHER
6 water water
#
_entity_poly.entity_id   1
_entity_poly.type   'polypeptide(L)'
_entity_poly.pdbx_seq_one_letter_code
;MRQSHQLPLVGLLLFSFIPSQLCEICEVSEENYIRLKPLLNTMIQSNYNRGTSAVNVVLSLKLVGIQIQTLMQKMIQQIK
YNVKSRLSDVSSGELALIILALGVCRNAEENLIYDYHLIDKLENKFQAEIENMEAHNGTPLTNYYQLSLDVLALCLFNGN
YSTAEVVNHFTPENKNYYFGSQFSVDTGAMAVLALTCVKKSLINGQIKADEGSLKNISIYTKSLVEKILSEKKENGLIGN
TFSTGEAMQALFVSSDYYNENDWNCQQTLNTVLTEISQGAFSNPNAAAQVLPALMGKTFLDINKDSSCVSASGNFNISAD
EPITVTPPDSQSYISVNYSVRINETYFTNVTVLNGSVFLSVMEKAQKMNDTIFGFTMEERSWGPYITCIQGLCANNNDRT
YWELLSGGEPLSQGAGSYVVRNGENLEVRWSKYLVPRGSLESRGPFEQKLISEEDLNMHTGHHHHHH
;
_entity_poly.pdbx_strand_id   A
#
# COMPACT_ATOMS: atom_id res chain seq x y z
N GLU A 24 10.46 -17.85 -7.14
CA GLU A 24 11.74 -17.29 -7.55
C GLU A 24 12.04 -15.99 -6.83
N ILE A 25 13.30 -15.79 -6.45
CA ILE A 25 13.73 -14.52 -5.89
C ILE A 25 14.84 -13.90 -6.73
N CYS A 26 14.58 -12.73 -7.28
CA CYS A 26 15.61 -11.97 -7.98
C CYS A 26 15.78 -10.61 -7.32
N GLU A 27 16.88 -9.93 -7.62
CA GLU A 27 17.18 -8.65 -7.00
C GLU A 27 18.18 -7.86 -7.82
N VAL A 28 18.27 -6.57 -7.53
CA VAL A 28 19.23 -5.70 -8.20
C VAL A 28 20.65 -6.09 -7.85
N SER A 29 21.48 -6.31 -8.87
CA SER A 29 22.90 -6.60 -8.65
C SER A 29 23.59 -5.41 -8.00
N GLU A 30 24.70 -5.67 -7.33
CA GLU A 30 25.43 -4.62 -6.63
C GLU A 30 26.00 -3.57 -7.60
N GLU A 31 26.17 -3.96 -8.85
CA GLU A 31 26.62 -3.03 -9.88
C GLU A 31 25.51 -2.04 -10.24
N ASN A 32 24.26 -2.50 -10.14
CA ASN A 32 23.12 -1.68 -10.53
C ASN A 32 22.44 -0.98 -9.36
N TYR A 33 23.10 -0.94 -8.21
CA TYR A 33 22.56 -0.28 -7.03
C TYR A 33 22.29 1.20 -7.29
N ILE A 34 23.06 1.78 -8.21
CA ILE A 34 22.92 3.18 -8.57
C ILE A 34 21.53 3.46 -9.14
N ARG A 35 20.90 2.46 -9.74
CA ARG A 35 19.56 2.61 -10.30
C ARG A 35 18.50 2.79 -9.22
N LEU A 36 18.84 2.44 -7.98
CA LEU A 36 17.91 2.59 -6.87
C LEU A 36 18.01 3.96 -6.21
N LYS A 37 18.99 4.75 -6.64
CA LYS A 37 19.21 6.09 -6.08
C LYS A 37 17.98 7.02 -6.10
N PRO A 38 17.22 7.05 -7.22
CA PRO A 38 16.03 7.92 -7.21
C PRO A 38 15.06 7.57 -6.08
N LEU A 39 14.94 6.29 -5.76
CA LEU A 39 14.10 5.86 -4.66
C LEU A 39 14.63 6.43 -3.36
N LEU A 40 15.95 6.32 -3.19
CA LEU A 40 16.62 6.82 -1.99
C LEU A 40 16.43 8.33 -1.87
N ASN A 41 16.68 9.04 -2.97
CA ASN A 41 16.51 10.49 -3.00
C ASN A 41 15.09 10.91 -2.64
N THR A 42 14.10 10.30 -3.29
CA THR A 42 12.69 10.57 -3.01
C THR A 42 12.35 10.46 -1.52
N MET A 43 12.79 9.37 -0.90
CA MET A 43 12.49 9.14 0.52
C MET A 43 13.18 10.15 1.42
N ILE A 44 14.35 10.64 1.00
CA ILE A 44 15.05 11.67 1.76
C ILE A 44 14.32 13.01 1.71
N GLN A 45 13.76 13.36 0.55
CA GLN A 45 13.05 14.63 0.39
C GLN A 45 11.77 14.66 1.22
N SER A 46 11.27 13.49 1.57
CA SER A 46 10.03 13.39 2.34
C SER A 46 10.18 13.95 3.75
N ASN A 47 11.42 14.19 4.16
CA ASN A 47 11.71 14.87 5.42
C ASN A 47 11.03 16.24 5.51
N TYR A 48 10.94 16.92 4.37
CA TYR A 48 10.39 18.27 4.31
C TYR A 48 8.88 18.28 4.09
N ASN A 49 8.27 17.10 4.09
CA ASN A 49 6.82 16.98 3.91
C ASN A 49 6.16 16.48 5.19
N ARG A 50 5.59 17.41 5.94
CA ARG A 50 4.97 17.08 7.23
C ARG A 50 3.69 16.29 7.04
N GLY A 51 3.15 16.31 5.82
CA GLY A 51 1.91 15.62 5.51
C GLY A 51 2.12 14.15 5.17
N THR A 52 3.35 13.79 4.82
CA THR A 52 3.64 12.40 4.45
C THR A 52 4.22 11.62 5.63
N SER A 53 4.00 10.31 5.61
CA SER A 53 4.44 9.45 6.70
C SER A 53 5.93 9.13 6.59
N ALA A 54 6.56 8.92 7.75
CA ALA A 54 7.95 8.46 7.79
C ALA A 54 7.99 7.00 8.22
N VAL A 55 6.84 6.48 8.65
CA VAL A 55 6.75 5.11 9.11
C VAL A 55 7.03 4.11 8.00
N ASN A 56 6.30 4.23 6.89
CA ASN A 56 6.49 3.36 5.74
C ASN A 56 7.90 3.50 5.16
N VAL A 57 8.40 4.72 5.14
CA VAL A 57 9.71 5.02 4.58
C VAL A 57 10.82 4.34 5.39
N VAL A 58 10.78 4.53 6.70
CA VAL A 58 11.80 3.95 7.59
C VAL A 58 11.71 2.43 7.59
N LEU A 59 10.50 1.89 7.61
CA LEU A 59 10.29 0.45 7.50
C LEU A 59 10.96 -0.11 6.25
N SER A 60 10.72 0.55 5.13
CA SER A 60 11.28 0.16 3.84
C SER A 60 12.82 0.13 3.88
N LEU A 61 13.40 1.18 4.43
CA LEU A 61 14.85 1.32 4.50
C LEU A 61 15.51 0.31 5.44
N LYS A 62 14.95 0.14 6.63
CA LYS A 62 15.50 -0.78 7.61
C LYS A 62 15.45 -2.22 7.10
N LEU A 63 14.43 -2.49 6.29
CA LEU A 63 14.23 -3.83 5.73
C LEU A 63 15.35 -4.21 4.77
N VAL A 64 15.96 -3.23 4.12
CA VAL A 64 17.08 -3.49 3.21
C VAL A 64 18.41 -3.10 3.84
N GLY A 65 18.43 -2.97 5.16
CA GLY A 65 19.66 -2.69 5.89
C GLY A 65 20.14 -1.27 5.69
N ILE A 66 19.21 -0.34 5.64
CA ILE A 66 19.56 1.06 5.50
C ILE A 66 18.96 1.88 6.64
N GLN A 67 19.82 2.64 7.33
CA GLN A 67 19.36 3.51 8.38
C GLN A 67 19.56 4.97 7.97
N ILE A 68 18.49 5.76 8.08
CA ILE A 68 18.57 7.19 7.78
C ILE A 68 18.11 7.96 9.00
N GLN A 69 19.06 8.63 9.65
CA GLN A 69 18.82 9.30 10.92
C GLN A 69 17.67 10.31 10.90
N THR A 70 17.70 11.20 9.92
CA THR A 70 16.70 12.26 9.82
C THR A 70 15.29 11.69 9.71
N LEU A 71 15.13 10.68 8.86
CA LEU A 71 13.84 10.02 8.68
C LEU A 71 13.46 9.23 9.93
N MET A 72 14.46 8.64 10.57
CA MET A 72 14.24 7.91 11.82
C MET A 72 13.70 8.83 12.91
N GLN A 73 14.31 10.01 13.03
CA GLN A 73 13.86 11.02 13.99
C GLN A 73 12.45 11.49 13.68
N LYS A 74 12.17 11.68 12.39
CA LYS A 74 10.84 12.10 11.98
C LYS A 74 9.79 11.06 12.36
N MET A 75 10.13 9.79 12.16
CA MET A 75 9.18 8.71 12.43
C MET A 75 8.85 8.62 13.92
N ILE A 76 9.88 8.71 14.75
CA ILE A 76 9.71 8.64 16.19
C ILE A 76 8.82 9.76 16.68
N GLN A 77 9.06 10.96 16.14
CA GLN A 77 8.25 12.13 16.46
C GLN A 77 6.78 11.90 16.08
N GLN A 78 6.55 11.33 14.91
CA GLN A 78 5.19 11.01 14.47
C GLN A 78 4.56 9.96 15.37
N ILE A 79 5.33 8.94 15.72
CA ILE A 79 4.84 7.85 16.56
C ILE A 79 4.48 8.35 17.95
N LYS A 80 5.39 9.12 18.55
CA LYS A 80 5.15 9.67 19.88
C LYS A 80 3.96 10.62 19.89
N TYR A 81 3.79 11.36 18.79
CA TYR A 81 2.68 12.29 18.68
C TYR A 81 1.34 11.56 18.61
N ASN A 82 1.24 10.59 17.71
CA ASN A 82 0.02 9.82 17.53
C ASN A 82 -0.35 9.01 18.77
N VAL A 83 0.65 8.42 19.42
CA VAL A 83 0.41 7.61 20.61
C VAL A 83 -0.09 8.45 21.77
N LYS A 84 0.49 9.63 21.95
CA LYS A 84 0.21 10.44 23.13
C LYS A 84 -1.07 11.29 23.03
N SER A 85 -1.63 11.39 21.82
CA SER A 85 -2.77 12.29 21.65
C SER A 85 -3.71 11.97 20.49
N ARG A 86 -3.57 10.79 19.89
CA ARG A 86 -4.43 10.43 18.75
C ARG A 86 -4.49 8.92 18.54
N LEU A 87 -4.04 8.16 19.54
CA LEU A 87 -3.93 6.71 19.43
C LEU A 87 -5.27 6.04 19.11
N SER A 88 -6.35 6.63 19.61
CA SER A 88 -7.68 6.06 19.44
C SER A 88 -8.17 6.19 18.00
N ASP A 89 -7.69 7.22 17.29
CA ASP A 89 -8.11 7.46 15.91
C ASP A 89 -7.21 6.78 14.89
N VAL A 90 -6.05 6.28 15.33
CA VAL A 90 -5.11 5.60 14.45
C VAL A 90 -5.71 4.29 13.93
N SER A 91 -5.71 4.10 12.62
CA SER A 91 -6.29 2.90 12.04
C SER A 91 -5.45 1.68 12.38
N SER A 92 -6.06 0.50 12.34
CA SER A 92 -5.36 -0.74 12.63
C SER A 92 -4.14 -0.90 11.73
N GLY A 93 -4.30 -0.64 10.45
CA GLY A 93 -3.22 -0.74 9.50
C GLY A 93 -2.07 0.22 9.78
N GLU A 94 -2.41 1.43 10.24
CA GLU A 94 -1.40 2.42 10.57
C GLU A 94 -0.58 1.98 11.76
N LEU A 95 -1.25 1.40 12.76
CA LEU A 95 -0.57 0.90 13.94
C LEU A 95 0.28 -0.33 13.59
N ALA A 96 -0.23 -1.15 12.68
CA ALA A 96 0.50 -2.33 12.21
C ALA A 96 1.84 -1.91 11.59
N LEU A 97 1.81 -0.89 10.74
CA LEU A 97 3.03 -0.39 10.11
C LEU A 97 3.99 0.19 11.13
N ILE A 98 3.45 0.83 12.17
CA ILE A 98 4.27 1.39 13.23
C ILE A 98 5.04 0.29 13.94
N ILE A 99 4.32 -0.78 14.28
CA ILE A 99 4.92 -1.92 14.96
C ILE A 99 5.99 -2.57 14.07
N LEU A 100 5.67 -2.72 12.79
CA LEU A 100 6.61 -3.33 11.84
C LEU A 100 7.87 -2.48 11.71
N ALA A 101 7.69 -1.17 11.54
CA ALA A 101 8.81 -0.25 11.41
C ALA A 101 9.68 -0.22 12.67
N LEU A 102 9.06 -0.32 13.83
CA LEU A 102 9.80 -0.25 15.09
C LEU A 102 10.52 -1.57 15.42
N GLY A 103 10.09 -2.65 14.78
CA GLY A 103 10.61 -3.96 15.12
C GLY A 103 11.18 -4.76 13.97
N VAL A 104 11.69 -4.08 12.94
CA VAL A 104 12.34 -4.74 11.82
C VAL A 104 13.51 -5.58 12.36
N CYS A 105 14.22 -5.01 13.32
CA CYS A 105 15.29 -5.69 14.03
C CYS A 105 15.36 -5.15 15.45
N ARG A 106 16.08 -5.86 16.33
CA ARG A 106 16.17 -5.46 17.71
C ARG A 106 17.02 -4.21 17.90
N ASN A 107 16.40 -3.16 18.46
CA ASN A 107 17.12 -1.95 18.82
C ASN A 107 16.43 -1.24 19.98
N ALA A 108 16.93 -0.07 20.36
CA ALA A 108 16.37 0.67 21.48
C ALA A 108 14.95 1.15 21.18
N GLU A 109 14.69 1.49 19.93
CA GLU A 109 13.39 2.01 19.52
C GLU A 109 12.31 0.93 19.54
N GLU A 110 12.74 -0.34 19.50
CA GLU A 110 11.81 -1.46 19.53
C GLU A 110 11.08 -1.55 20.86
N ASN A 111 11.70 -1.00 21.91
CA ASN A 111 11.08 -0.95 23.23
C ASN A 111 9.77 -0.18 23.24
N LEU A 112 9.62 0.77 22.32
CA LEU A 112 8.41 1.58 22.22
C LEU A 112 7.18 0.71 21.99
N ILE A 113 7.38 -0.41 21.31
CA ILE A 113 6.29 -1.35 21.05
C ILE A 113 5.76 -1.91 22.35
N TYR A 114 6.66 -2.29 23.25
CA TYR A 114 6.27 -2.94 24.49
C TYR A 114 6.03 -1.93 25.62
N ASP A 115 6.64 -0.77 25.52
CA ASP A 115 6.44 0.29 26.50
C ASP A 115 5.10 0.98 26.32
N TYR A 116 4.58 0.96 25.09
CA TYR A 116 3.30 1.58 24.78
C TYR A 116 2.20 0.53 24.61
N HIS A 117 2.59 -0.74 24.70
CA HIS A 117 1.66 -1.86 24.50
C HIS A 117 0.96 -1.80 23.15
N LEU A 118 1.74 -1.54 22.10
CA LEU A 118 1.18 -1.37 20.76
C LEU A 118 0.61 -2.66 20.20
N ILE A 119 1.21 -3.79 20.59
CA ILE A 119 0.73 -5.09 20.15
C ILE A 119 -0.66 -5.35 20.72
N ASP A 120 -0.82 -5.06 22.01
CA ASP A 120 -2.12 -5.19 22.66
C ASP A 120 -3.15 -4.29 21.99
N LYS A 121 -2.72 -3.07 21.65
CA LYS A 121 -3.62 -2.10 21.00
C LYS A 121 -4.00 -2.57 19.61
N LEU A 122 -3.06 -3.19 18.92
CA LEU A 122 -3.31 -3.71 17.58
C LEU A 122 -4.33 -4.85 17.62
N GLU A 123 -4.27 -5.67 18.67
CA GLU A 123 -5.22 -6.76 18.85
C GLU A 123 -6.65 -6.23 18.97
N ASN A 124 -6.79 -5.12 19.69
CA ASN A 124 -8.10 -4.49 19.85
C ASN A 124 -8.58 -3.85 18.56
N LYS A 125 -7.70 -3.12 17.88
CA LYS A 125 -8.05 -2.47 16.62
C LYS A 125 -8.40 -3.51 15.56
N PHE A 126 -7.65 -4.61 15.55
CA PHE A 126 -7.92 -5.69 14.61
C PHE A 126 -9.26 -6.34 14.90
N GLN A 127 -9.59 -6.49 16.18
CA GLN A 127 -10.87 -7.07 16.58
C GLN A 127 -12.02 -6.12 16.25
N ALA A 128 -11.74 -4.82 16.27
CA ALA A 128 -12.74 -3.82 15.91
C ALA A 128 -13.08 -3.93 14.42
N GLU A 129 -12.07 -4.23 13.61
CA GLU A 129 -12.26 -4.47 12.19
C GLU A 129 -13.21 -5.65 11.99
N ILE A 130 -12.96 -6.72 12.75
CA ILE A 130 -13.77 -7.93 12.68
C ILE A 130 -15.21 -7.66 13.09
N GLU A 131 -15.39 -6.95 14.20
CA GLU A 131 -16.71 -6.66 14.72
C GLU A 131 -17.47 -5.70 13.82
N ASN A 132 -16.74 -4.93 13.01
CA ASN A 132 -17.38 -4.06 12.04
C ASN A 132 -17.91 -4.84 10.85
N MET A 133 -17.21 -5.92 10.49
CA MET A 133 -17.63 -6.78 9.40
C MET A 133 -18.89 -7.56 9.78
N GLU A 134 -18.97 -7.95 11.05
CA GLU A 134 -20.13 -8.66 11.56
C GLU A 134 -21.33 -7.72 11.59
N ALA A 135 -21.08 -6.45 11.91
CA ALA A 135 -22.15 -5.47 12.01
C ALA A 135 -22.56 -4.89 10.66
N HIS A 136 -21.60 -4.79 9.75
CA HIS A 136 -21.81 -4.11 8.48
C HIS A 136 -21.62 -4.96 7.23
N ASN A 137 -22.23 -6.14 7.21
CA ASN A 137 -22.32 -6.95 5.99
C ASN A 137 -20.98 -7.37 5.39
N GLY A 138 -19.96 -7.47 6.24
CA GLY A 138 -18.66 -7.95 5.83
C GLY A 138 -17.65 -6.88 5.49
N THR A 139 -18.03 -5.61 5.65
CA THR A 139 -17.12 -4.51 5.38
C THR A 139 -16.36 -4.11 6.65
N PRO A 140 -15.02 -4.16 6.59
CA PRO A 140 -14.21 -3.76 7.74
C PRO A 140 -14.23 -2.25 7.93
N LEU A 141 -13.60 -1.76 9.01
CA LEU A 141 -13.49 -0.33 9.25
C LEU A 141 -12.66 0.32 8.16
N THR A 142 -11.63 -0.39 7.72
CA THR A 142 -10.77 0.09 6.64
C THR A 142 -10.87 -0.80 5.40
N ASN A 143 -9.99 -1.79 5.31
CA ASN A 143 -9.92 -2.65 4.14
C ASN A 143 -9.13 -3.92 4.42
N TYR A 144 -9.04 -4.81 3.45
CA TYR A 144 -8.34 -6.07 3.63
C TYR A 144 -6.82 -5.94 3.54
N TYR A 145 -6.36 -4.87 2.88
CA TYR A 145 -4.94 -4.56 2.83
C TYR A 145 -4.43 -4.30 4.25
N GLN A 146 -5.17 -3.49 5.00
CA GLN A 146 -4.83 -3.21 6.40
C GLN A 146 -5.07 -4.42 7.27
N LEU A 147 -6.15 -5.15 6.99
CA LEU A 147 -6.46 -6.37 7.72
C LEU A 147 -5.32 -7.36 7.59
N SER A 148 -4.70 -7.40 6.40
CA SER A 148 -3.56 -8.27 6.16
C SER A 148 -2.35 -7.75 6.90
N LEU A 149 -2.17 -6.43 6.89
CA LEU A 149 -1.11 -5.80 7.66
C LEU A 149 -1.26 -6.14 9.14
N ASP A 150 -2.51 -6.17 9.61
CA ASP A 150 -2.78 -6.49 11.02
C ASP A 150 -2.34 -7.89 11.39
N VAL A 151 -2.79 -8.87 10.60
CA VAL A 151 -2.43 -10.26 10.84
C VAL A 151 -0.92 -10.46 10.74
N LEU A 152 -0.31 -9.82 9.74
CA LEU A 152 1.13 -9.92 9.53
C LEU A 152 1.92 -9.45 10.75
N ALA A 153 1.56 -8.27 11.24
CA ALA A 153 2.24 -7.68 12.39
C ALA A 153 2.04 -8.50 13.67
N LEU A 154 0.79 -8.91 13.91
CA LEU A 154 0.48 -9.74 15.08
C LEU A 154 1.19 -11.08 15.02
N CYS A 155 1.31 -11.63 13.81
CA CYS A 155 2.00 -12.90 13.60
C CYS A 155 3.50 -12.79 13.84
N LEU A 156 4.12 -11.77 13.25
CA LEU A 156 5.57 -11.57 13.36
C LEU A 156 6.03 -11.24 14.78
N PHE A 157 5.13 -10.68 15.59
CA PHE A 157 5.52 -10.23 16.93
C PHE A 157 4.78 -10.98 18.04
N ASN A 158 4.33 -12.19 17.71
CA ASN A 158 3.69 -13.08 18.68
C ASN A 158 2.51 -12.47 19.41
N GLY A 159 1.71 -11.68 18.68
CA GLY A 159 0.51 -11.12 19.24
C GLY A 159 -0.60 -12.15 19.25
N ASN A 160 -1.65 -11.90 20.01
CA ASN A 160 -2.76 -12.84 20.11
C ASN A 160 -3.80 -12.60 19.03
N TYR A 161 -3.98 -13.60 18.16
CA TYR A 161 -4.97 -13.54 17.10
C TYR A 161 -5.56 -14.92 16.85
N SER A 162 -6.81 -14.98 16.41
CA SER A 162 -7.46 -16.24 16.13
C SER A 162 -7.19 -16.69 14.70
N THR A 163 -6.58 -17.86 14.55
CA THR A 163 -6.32 -18.41 13.23
C THR A 163 -7.64 -18.77 12.55
N ALA A 164 -8.61 -19.18 13.35
CA ALA A 164 -9.94 -19.49 12.85
C ALA A 164 -10.56 -18.23 12.24
N GLU A 165 -10.32 -17.10 12.87
CA GLU A 165 -10.80 -15.82 12.37
C GLU A 165 -10.18 -15.52 11.00
N VAL A 166 -8.90 -15.87 10.87
CA VAL A 166 -8.18 -15.69 9.61
C VAL A 166 -8.74 -16.57 8.51
N VAL A 167 -8.90 -17.86 8.81
CA VAL A 167 -9.48 -18.82 7.89
C VAL A 167 -10.89 -18.38 7.48
N ASN A 168 -11.61 -17.79 8.42
CA ASN A 168 -12.98 -17.37 8.17
C ASN A 168 -13.09 -16.18 7.21
N HIS A 169 -12.18 -15.22 7.35
CA HIS A 169 -12.32 -13.96 6.61
C HIS A 169 -11.43 -13.80 5.38
N PHE A 170 -10.32 -14.54 5.33
CA PHE A 170 -9.35 -14.34 4.26
C PHE A 170 -9.56 -15.21 3.02
N THR A 171 -10.73 -15.81 2.92
CA THR A 171 -11.10 -16.61 1.74
C THR A 171 -10.96 -15.78 0.46
N PRO A 172 -10.23 -16.32 -0.54
CA PRO A 172 -9.92 -15.64 -1.79
C PRO A 172 -11.15 -15.14 -2.55
N GLU A 173 -12.32 -15.69 -2.25
CA GLU A 173 -13.54 -15.30 -2.94
C GLU A 173 -14.24 -14.13 -2.24
N ASN A 174 -13.71 -13.73 -1.09
CA ASN A 174 -14.26 -12.61 -0.34
C ASN A 174 -14.24 -11.32 -1.16
N LYS A 175 -15.33 -10.56 -1.09
CA LYS A 175 -15.50 -9.38 -1.94
C LYS A 175 -14.44 -8.31 -1.69
N ASN A 176 -13.87 -8.30 -0.49
CA ASN A 176 -12.92 -7.26 -0.11
C ASN A 176 -11.57 -7.34 -0.83
N TYR A 177 -11.39 -8.40 -1.61
CA TYR A 177 -10.19 -8.54 -2.43
C TYR A 177 -10.36 -7.81 -3.75
N TYR A 178 -11.56 -7.31 -4.00
CA TYR A 178 -11.90 -6.71 -5.28
C TYR A 178 -12.44 -5.29 -5.13
N PHE A 179 -11.97 -4.39 -5.99
CA PHE A 179 -12.53 -3.06 -6.10
C PHE A 179 -13.28 -2.96 -7.41
N GLY A 180 -14.58 -3.27 -7.36
CA GLY A 180 -15.37 -3.38 -8.57
C GLY A 180 -15.20 -4.75 -9.18
N SER A 181 -14.73 -4.79 -10.42
CA SER A 181 -14.46 -6.05 -11.09
C SER A 181 -12.97 -6.38 -11.02
N GLN A 182 -12.19 -5.42 -10.54
CA GLN A 182 -10.74 -5.56 -10.52
C GLN A 182 -10.22 -6.19 -9.22
N PHE A 183 -9.49 -7.28 -9.35
CA PHE A 183 -8.84 -7.88 -8.20
C PHE A 183 -7.73 -6.95 -7.74
N SER A 184 -7.72 -6.62 -6.45
CA SER A 184 -6.69 -5.76 -5.88
C SER A 184 -5.41 -6.55 -5.63
N VAL A 185 -4.43 -6.35 -6.50
CA VAL A 185 -3.15 -7.03 -6.39
C VAL A 185 -2.46 -6.70 -5.08
N ASP A 186 -2.50 -5.43 -4.70
CA ASP A 186 -1.88 -4.96 -3.47
C ASP A 186 -2.45 -5.70 -2.27
N THR A 187 -3.77 -5.78 -2.23
CA THR A 187 -4.49 -6.47 -1.16
C THR A 187 -4.15 -7.96 -1.16
N GLY A 188 -4.23 -8.58 -2.33
CA GLY A 188 -3.89 -9.98 -2.48
C GLY A 188 -2.46 -10.29 -2.06
N ALA A 189 -1.55 -9.39 -2.42
CA ALA A 189 -0.13 -9.57 -2.11
C ALA A 189 0.11 -9.50 -0.61
N MET A 190 -0.47 -8.50 0.03
CA MET A 190 -0.30 -8.33 1.47
C MET A 190 -0.96 -9.48 2.22
N ALA A 191 -2.08 -9.97 1.70
CA ALA A 191 -2.75 -11.13 2.29
C ALA A 191 -1.86 -12.37 2.21
N VAL A 192 -1.23 -12.56 1.06
CA VAL A 192 -0.29 -13.67 0.88
C VAL A 192 0.86 -13.60 1.89
N LEU A 193 1.39 -12.40 2.10
CA LEU A 193 2.48 -12.22 3.06
C LEU A 193 2.01 -12.56 4.47
N ALA A 194 0.79 -12.14 4.79
CA ALA A 194 0.20 -12.38 6.09
C ALA A 194 -0.09 -13.87 6.31
N LEU A 195 -0.76 -14.48 5.33
CA LEU A 195 -1.11 -15.89 5.40
C LEU A 195 0.14 -16.77 5.48
N THR A 196 1.19 -16.34 4.80
CA THR A 196 2.43 -17.09 4.78
C THR A 196 3.11 -17.06 6.14
N CYS A 197 2.98 -15.92 6.83
CA CYS A 197 3.53 -15.79 8.18
C CYS A 197 2.83 -16.75 9.13
N VAL A 198 1.50 -16.82 9.02
CA VAL A 198 0.72 -17.73 9.86
C VAL A 198 1.11 -19.19 9.58
N LYS A 199 1.35 -19.49 8.31
CA LYS A 199 1.81 -20.82 7.92
C LYS A 199 3.13 -21.18 8.61
N LYS A 200 4.11 -20.29 8.54
CA LYS A 200 5.40 -20.53 9.16
C LYS A 200 5.24 -20.64 10.68
N SER A 201 4.38 -19.79 11.23
CA SER A 201 4.10 -19.79 12.66
C SER A 201 3.46 -21.10 13.11
N LEU A 202 2.61 -21.68 12.26
CA LEU A 202 1.97 -22.96 12.54
C LEU A 202 2.96 -24.11 12.49
N ILE A 203 3.81 -24.13 11.47
CA ILE A 203 4.81 -25.17 11.30
C ILE A 203 5.84 -25.11 12.42
N ASN A 204 6.14 -23.90 12.88
CA ASN A 204 6.97 -23.73 14.07
C ASN A 204 6.14 -24.01 15.32
N GLY A 205 6.65 -23.60 16.48
CA GLY A 205 5.91 -23.82 17.72
C GLY A 205 5.23 -22.58 18.25
N GLN A 206 5.18 -21.53 17.42
CA GLN A 206 4.66 -20.24 17.84
C GLN A 206 3.16 -20.23 18.12
N ILE A 207 2.39 -20.85 17.23
CA ILE A 207 0.93 -20.76 17.32
C ILE A 207 0.23 -22.10 17.11
N LYS A 208 -0.73 -22.40 17.99
CA LYS A 208 -1.56 -23.59 17.85
C LYS A 208 -2.86 -23.26 17.15
N ALA A 209 -3.44 -24.24 16.47
CA ALA A 209 -4.70 -24.04 15.76
C ALA A 209 -5.43 -25.37 15.56
N ASP A 210 -6.70 -25.28 15.16
CA ASP A 210 -7.46 -26.47 14.81
C ASP A 210 -6.78 -27.15 13.63
N GLU A 211 -6.52 -28.45 13.77
CA GLU A 211 -5.84 -29.21 12.73
C GLU A 211 -6.60 -29.10 11.40
N GLY A 212 -5.85 -28.84 10.33
CA GLY A 212 -6.44 -28.63 9.02
C GLY A 212 -6.41 -27.17 8.63
N SER A 213 -6.03 -26.31 9.58
CA SER A 213 -5.95 -24.88 9.33
C SER A 213 -4.85 -24.56 8.32
N LEU A 214 -3.72 -25.26 8.47
CA LEU A 214 -2.58 -25.07 7.57
C LEU A 214 -2.98 -25.39 6.13
N LYS A 215 -3.81 -26.42 5.99
CA LYS A 215 -4.30 -26.84 4.69
C LYS A 215 -5.13 -25.73 4.03
N ASN A 216 -6.13 -25.23 4.75
CA ASN A 216 -7.01 -24.20 4.22
C ASN A 216 -6.29 -22.90 3.90
N ILE A 217 -5.36 -22.50 4.77
CA ILE A 217 -4.57 -21.30 4.55
C ILE A 217 -3.70 -21.44 3.30
N SER A 218 -3.11 -22.63 3.14
CA SER A 218 -2.29 -22.94 1.98
C SER A 218 -3.10 -22.85 0.68
N ILE A 219 -4.34 -23.34 0.74
CA ILE A 219 -5.25 -23.28 -0.40
C ILE A 219 -5.61 -21.83 -0.72
N TYR A 220 -5.87 -21.04 0.33
CA TYR A 220 -6.11 -19.61 0.16
C TYR A 220 -4.93 -18.95 -0.55
N THR A 221 -3.73 -19.26 -0.09
CA THR A 221 -2.51 -18.71 -0.66
C THR A 221 -2.35 -19.11 -2.12
N LYS A 222 -2.61 -20.38 -2.40
CA LYS A 222 -2.55 -20.91 -3.76
C LYS A 222 -3.47 -20.14 -4.70
N SER A 223 -4.70 -19.91 -4.27
CA SER A 223 -5.69 -19.18 -5.06
C SER A 223 -5.27 -17.72 -5.26
N LEU A 224 -4.77 -17.09 -4.21
CA LEU A 224 -4.33 -15.69 -4.27
C LEU A 224 -3.14 -15.50 -5.21
N VAL A 225 -2.21 -16.45 -5.21
CA VAL A 225 -1.06 -16.40 -6.09
C VAL A 225 -1.49 -16.46 -7.56
N GLU A 226 -2.43 -17.37 -7.85
CA GLU A 226 -2.98 -17.48 -9.19
C GLU A 226 -3.65 -16.19 -9.64
N LYS A 227 -4.43 -15.58 -8.76
CA LYS A 227 -5.10 -14.31 -9.05
C LYS A 227 -4.09 -13.17 -9.22
N ILE A 228 -3.02 -13.21 -8.45
CA ILE A 228 -1.96 -12.22 -8.58
C ILE A 228 -1.28 -12.34 -9.94
N LEU A 229 -0.88 -13.56 -10.30
CA LEU A 229 -0.22 -13.81 -11.57
C LEU A 229 -1.13 -13.55 -12.78
N SER A 230 -2.44 -13.67 -12.57
CA SER A 230 -3.41 -13.41 -13.62
C SER A 230 -3.44 -11.93 -13.99
N GLU A 231 -2.87 -11.10 -13.13
CA GLU A 231 -2.85 -9.66 -13.37
C GLU A 231 -1.49 -9.21 -13.89
N LYS A 232 -0.65 -10.18 -14.25
CA LYS A 232 0.67 -9.86 -14.79
C LYS A 232 0.54 -9.32 -16.21
N LYS A 233 1.09 -8.14 -16.44
CA LYS A 233 1.04 -7.53 -17.77
C LYS A 233 2.13 -8.11 -18.65
N GLU A 234 2.10 -7.73 -19.93
CA GLU A 234 3.04 -8.25 -20.91
C GLU A 234 4.47 -7.82 -20.62
N ASN A 235 4.61 -6.63 -20.04
CA ASN A 235 5.93 -6.07 -19.73
C ASN A 235 6.52 -6.54 -18.40
N GLY A 236 5.80 -7.43 -17.71
CA GLY A 236 6.31 -8.00 -16.47
C GLY A 236 5.70 -7.39 -15.23
N LEU A 237 5.05 -6.25 -15.38
CA LEU A 237 4.36 -5.61 -14.27
C LEU A 237 3.23 -6.50 -13.80
N ILE A 238 2.98 -6.50 -12.49
CA ILE A 238 1.94 -7.31 -11.90
C ILE A 238 0.90 -6.42 -11.26
N GLY A 239 -0.26 -6.30 -11.91
CA GLY A 239 -1.22 -5.27 -11.58
C GLY A 239 -0.84 -4.01 -12.32
N ASN A 240 -0.45 -2.98 -11.58
CA ASN A 240 0.15 -1.80 -12.20
C ASN A 240 1.55 -1.56 -11.65
N THR A 241 2.11 -0.40 -11.96
CA THR A 241 3.47 -0.04 -11.53
C THR A 241 3.61 -0.04 -10.02
N PHE A 242 2.55 0.38 -9.34
CA PHE A 242 2.61 0.63 -7.91
C PHE A 242 2.13 -0.55 -7.05
N SER A 243 1.75 -1.64 -7.71
CA SER A 243 1.38 -2.86 -6.99
C SER A 243 2.43 -3.95 -7.22
N THR A 244 3.36 -3.68 -8.13
CA THR A 244 4.34 -4.70 -8.53
C THR A 244 5.33 -5.06 -7.42
N GLY A 245 5.79 -4.05 -6.70
CA GLY A 245 6.79 -4.24 -5.66
C GLY A 245 6.37 -5.22 -4.59
N GLU A 246 5.17 -5.04 -4.05
CA GLU A 246 4.67 -5.92 -3.01
C GLU A 246 4.14 -7.23 -3.61
N ALA A 247 3.76 -7.21 -4.88
CA ALA A 247 3.40 -8.45 -5.56
C ALA A 247 4.62 -9.35 -5.67
N MET A 248 5.78 -8.76 -5.96
CA MET A 248 7.04 -9.49 -6.00
C MET A 248 7.35 -10.15 -4.65
N GLN A 249 7.14 -9.41 -3.56
CA GLN A 249 7.33 -9.95 -2.22
C GLN A 249 6.47 -11.18 -2.02
N ALA A 250 5.19 -11.08 -2.37
CA ALA A 250 4.25 -12.19 -2.24
C ALA A 250 4.70 -13.40 -3.03
N LEU A 251 5.19 -13.17 -4.26
CA LEU A 251 5.67 -14.26 -5.10
C LEU A 251 7.02 -14.81 -4.61
N PHE A 252 7.81 -13.95 -3.98
CA PHE A 252 9.09 -14.37 -3.39
C PHE A 252 8.89 -15.48 -2.38
N VAL A 253 7.86 -15.36 -1.56
CA VAL A 253 7.66 -16.29 -0.45
C VAL A 253 6.67 -17.42 -0.78
N SER A 254 6.18 -17.43 -2.02
CA SER A 254 5.16 -18.41 -2.39
C SER A 254 5.52 -19.19 -3.66
N SER A 255 6.77 -19.63 -3.75
CA SER A 255 7.25 -20.40 -4.90
C SER A 255 6.62 -21.79 -4.97
N ASP A 256 5.89 -22.16 -3.94
CA ASP A 256 5.21 -23.44 -3.88
C ASP A 256 4.09 -23.53 -4.90
N TYR A 257 3.61 -22.38 -5.35
CA TYR A 257 2.36 -22.33 -6.10
C TYR A 257 2.53 -21.85 -7.53
N TYR A 258 3.75 -21.86 -8.02
CA TYR A 258 4.00 -21.52 -9.41
C TYR A 258 5.32 -22.05 -9.92
N ASN A 259 5.41 -22.25 -11.23
CA ASN A 259 6.63 -22.75 -11.86
C ASN A 259 7.48 -21.60 -12.35
N GLU A 260 8.67 -21.91 -12.85
CA GLU A 260 9.58 -20.90 -13.36
C GLU A 260 9.02 -20.19 -14.59
N ASN A 261 8.17 -20.91 -15.34
CA ASN A 261 7.60 -20.38 -16.57
C ASN A 261 6.27 -19.67 -16.36
N ASP A 262 5.87 -19.53 -15.11
CA ASP A 262 4.67 -18.75 -14.77
C ASP A 262 5.04 -17.30 -14.53
N TRP A 263 6.32 -17.06 -14.24
CA TRP A 263 6.80 -15.72 -13.93
C TRP A 263 8.29 -15.56 -14.19
N ASN A 264 8.64 -14.54 -14.95
CA ASN A 264 10.04 -14.17 -15.14
C ASN A 264 10.35 -12.99 -14.23
N CYS A 265 10.97 -13.28 -13.09
CA CYS A 265 11.26 -12.25 -12.08
C CYS A 265 12.19 -11.17 -12.63
N GLN A 266 13.13 -11.58 -13.47
CA GLN A 266 14.12 -10.66 -14.02
C GLN A 266 13.46 -9.62 -14.92
N GLN A 267 12.51 -10.06 -15.75
CA GLN A 267 11.79 -9.14 -16.63
C GLN A 267 11.01 -8.12 -15.81
N THR A 268 10.30 -8.62 -14.79
CA THR A 268 9.56 -7.76 -13.88
C THR A 268 10.49 -6.74 -13.23
N LEU A 269 11.62 -7.22 -12.72
CA LEU A 269 12.63 -6.37 -12.11
C LEU A 269 13.14 -5.29 -13.07
N ASN A 270 13.48 -5.71 -14.30
CA ASN A 270 13.99 -4.79 -15.32
C ASN A 270 13.00 -3.69 -15.67
N THR A 271 11.74 -4.06 -15.85
CA THR A 271 10.69 -3.10 -16.16
C THR A 271 10.53 -2.08 -15.03
N VAL A 272 10.57 -2.57 -13.79
CA VAL A 272 10.48 -1.68 -12.63
C VAL A 272 11.65 -0.69 -12.60
N LEU A 273 12.86 -1.20 -12.84
CA LEU A 273 14.05 -0.35 -12.86
C LEU A 273 13.94 0.74 -13.93
N THR A 274 13.33 0.39 -15.06
CA THR A 274 13.09 1.35 -16.13
C THR A 274 12.13 2.43 -15.66
N GLU A 275 11.10 2.03 -14.94
CA GLU A 275 10.12 2.97 -14.39
C GLU A 275 10.77 3.96 -13.43
N ILE A 276 11.66 3.45 -12.57
CA ILE A 276 12.37 4.28 -11.61
C ILE A 276 13.17 5.39 -12.30
N SER A 277 13.90 5.02 -13.34
CA SER A 277 14.72 5.97 -14.07
C SER A 277 13.87 7.03 -14.76
N GLN A 278 12.62 6.68 -15.04
CA GLN A 278 11.69 7.62 -15.68
C GLN A 278 10.94 8.46 -14.65
N GLY A 279 11.26 8.24 -13.36
CA GLY A 279 10.67 9.03 -12.30
C GLY A 279 9.27 8.60 -11.91
N ALA A 280 8.94 7.34 -12.15
CA ALA A 280 7.61 6.83 -11.85
C ALA A 280 7.36 6.74 -10.34
N PHE A 281 8.43 6.67 -9.57
CA PHE A 281 8.32 6.50 -8.13
C PHE A 281 8.70 7.77 -7.35
N SER A 282 8.22 8.90 -7.84
CA SER A 282 8.48 10.18 -7.19
C SER A 282 7.69 10.34 -5.88
N ASN A 283 6.62 9.57 -5.74
CA ASN A 283 5.85 9.55 -4.49
C ASN A 283 6.56 8.67 -3.46
N PRO A 284 6.92 9.25 -2.30
CA PRO A 284 7.63 8.56 -1.22
C PRO A 284 6.94 7.28 -0.75
N ASN A 285 5.62 7.25 -0.79
CA ASN A 285 4.88 6.04 -0.43
C ASN A 285 5.13 4.92 -1.42
N ALA A 286 5.19 5.27 -2.71
CA ALA A 286 5.41 4.29 -3.76
C ALA A 286 6.86 3.81 -3.75
N ALA A 287 7.78 4.73 -3.51
CA ALA A 287 9.19 4.39 -3.43
C ALA A 287 9.45 3.43 -2.28
N ALA A 288 8.80 3.69 -1.14
CA ALA A 288 8.95 2.85 0.04
C ALA A 288 8.44 1.43 -0.19
N GLN A 289 7.31 1.30 -0.88
CA GLN A 289 6.69 -0.01 -1.05
C GLN A 289 7.42 -0.90 -2.07
N VAL A 290 8.10 -0.27 -3.02
CA VAL A 290 8.75 -1.03 -4.09
C VAL A 290 10.18 -1.47 -3.71
N LEU A 291 10.82 -0.72 -2.83
CA LEU A 291 12.23 -0.93 -2.51
C LEU A 291 12.65 -2.33 -1.98
N PRO A 292 11.93 -2.87 -0.97
CA PRO A 292 12.39 -4.14 -0.38
C PRO A 292 12.56 -5.28 -1.39
N ALA A 293 11.56 -5.46 -2.25
CA ALA A 293 11.59 -6.53 -3.24
C ALA A 293 12.77 -6.39 -4.20
N LEU A 294 13.09 -5.15 -4.57
CA LEU A 294 14.19 -4.91 -5.50
C LEU A 294 15.53 -5.31 -4.91
N MET A 295 15.55 -5.48 -3.59
CA MET A 295 16.76 -5.87 -2.87
C MET A 295 16.61 -7.31 -2.39
N GLY A 296 15.59 -7.99 -2.88
CA GLY A 296 15.37 -9.39 -2.55
C GLY A 296 14.83 -9.60 -1.16
N LYS A 297 14.13 -8.58 -0.64
CA LYS A 297 13.60 -8.63 0.71
C LYS A 297 12.08 -8.59 0.71
N THR A 298 11.47 -9.20 1.72
CA THR A 298 10.03 -9.12 1.92
C THR A 298 9.75 -8.74 3.37
N PHE A 299 8.49 -8.50 3.70
CA PHE A 299 8.10 -8.20 5.06
C PHE A 299 8.37 -9.36 6.02
N LEU A 300 8.57 -10.56 5.48
CA LEU A 300 8.82 -11.73 6.31
C LEU A 300 10.26 -11.81 6.79
N ASP A 301 11.11 -10.91 6.29
CA ASP A 301 12.50 -10.86 6.73
C ASP A 301 12.65 -10.06 8.02
N ILE A 302 11.52 -9.61 8.56
CA ILE A 302 11.51 -8.92 9.83
C ILE A 302 11.75 -9.89 10.99
N ASN A 303 12.94 -9.80 11.58
CA ASN A 303 13.30 -10.62 12.73
C ASN A 303 13.37 -9.73 13.97
N LYS A 304 12.33 -9.79 14.80
CA LYS A 304 12.23 -8.93 15.97
C LYS A 304 13.32 -9.22 17.00
N ASP A 305 13.86 -10.43 16.98
CA ASP A 305 14.94 -10.81 17.88
C ASP A 305 16.31 -10.66 17.24
N SER A 306 16.61 -9.43 16.83
CA SER A 306 17.93 -9.01 16.36
C SER A 306 18.33 -9.41 14.94
N SER A 307 18.66 -8.39 14.15
CA SER A 307 19.24 -8.55 12.83
C SER A 307 19.92 -7.22 12.52
N CYS A 308 19.77 -6.28 13.45
CA CYS A 308 20.24 -4.91 13.28
C CYS A 308 21.76 -4.81 13.15
N VAL A 309 22.22 -4.66 11.91
CA VAL A 309 23.62 -4.37 11.65
C VAL A 309 23.80 -2.86 11.81
N SER A 310 24.42 -2.45 12.91
CA SER A 310 24.58 -1.04 13.24
C SER A 310 25.34 -0.26 12.16
N ALA A 311 26.30 -0.93 11.52
CA ALA A 311 27.05 -0.31 10.43
C ALA A 311 26.45 -0.75 9.09
N SER A 312 25.57 0.08 8.54
CA SER A 312 24.88 -0.26 7.30
C SER A 312 24.44 0.97 6.51
N GLY A 313 25.23 1.33 5.50
CA GLY A 313 24.86 2.41 4.61
C GLY A 313 25.96 3.45 4.44
N ASN A 314 26.60 3.44 3.27
CA ASN A 314 27.56 4.47 2.90
C ASN A 314 27.03 5.22 1.68
N PHE A 315 26.70 6.50 1.87
CA PHE A 315 26.02 7.27 0.82
C PHE A 315 26.85 8.42 0.25
N ASN A 316 27.32 8.25 -0.98
CA ASN A 316 27.97 9.34 -1.70
C ASN A 316 26.94 10.37 -2.14
N ILE A 317 27.32 11.63 -2.11
CA ILE A 317 26.37 12.71 -2.39
C ILE A 317 27.05 13.94 -2.97
N GLN A 331 5.35 28.74 -23.07
CA GLN A 331 4.64 28.29 -21.87
C GLN A 331 3.63 27.20 -22.22
N SER A 332 2.79 27.46 -23.21
CA SER A 332 1.85 26.47 -23.72
C SER A 332 0.69 26.11 -22.80
N TYR A 333 -0.48 25.88 -23.40
CA TYR A 333 -1.66 25.47 -22.65
C TYR A 333 -2.26 24.20 -23.25
N ILE A 334 -3.02 23.48 -22.45
CA ILE A 334 -3.60 22.24 -22.92
C ILE A 334 -5.08 22.16 -22.57
N SER A 335 -5.83 21.38 -23.32
CA SER A 335 -7.27 21.26 -23.11
C SER A 335 -7.74 19.82 -22.99
N VAL A 336 -8.69 19.58 -22.10
CA VAL A 336 -9.21 18.24 -21.85
C VAL A 336 -10.73 18.22 -21.69
N ASN A 337 -11.31 17.04 -21.79
CA ASN A 337 -12.74 16.86 -21.55
C ASN A 337 -12.98 16.37 -20.12
N TYR A 338 -13.13 17.30 -19.19
CA TYR A 338 -13.35 16.98 -17.79
C TYR A 338 -14.81 16.74 -17.46
N SER A 339 -15.12 15.57 -16.92
CA SER A 339 -16.49 15.23 -16.58
C SER A 339 -16.61 14.68 -15.17
N VAL A 340 -17.75 14.96 -14.54
CA VAL A 340 -18.06 14.41 -13.22
C VAL A 340 -19.31 13.55 -13.34
N ARG A 341 -19.14 12.23 -13.21
CA ARG A 341 -20.26 11.30 -13.34
C ARG A 341 -20.74 10.77 -11.99
N ILE A 342 -22.03 10.94 -11.73
CA ILE A 342 -22.69 10.39 -10.56
C ILE A 342 -23.75 9.41 -11.05
N ASN A 343 -24.91 9.96 -11.40
CA ASN A 343 -25.87 9.26 -12.22
C ASN A 343 -25.89 9.97 -13.57
N GLU A 344 -26.24 11.25 -13.50
CA GLU A 344 -26.09 12.15 -14.63
C GLU A 344 -24.61 12.50 -14.75
N THR A 345 -24.25 13.18 -15.83
CA THR A 345 -22.87 13.59 -16.04
C THR A 345 -22.77 15.08 -16.37
N TYR A 346 -21.89 15.78 -15.65
CA TYR A 346 -21.59 17.18 -15.95
C TYR A 346 -20.21 17.26 -16.58
N PHE A 347 -20.08 18.01 -17.68
CA PHE A 347 -18.81 18.10 -18.37
C PHE A 347 -18.51 19.48 -18.93
N THR A 348 -17.22 19.82 -19.00
CA THR A 348 -16.75 21.06 -19.61
C THR A 348 -15.43 20.78 -20.30
N ASN A 349 -14.96 21.76 -21.05
CA ASN A 349 -13.61 21.69 -21.56
C ASN A 349 -12.81 22.68 -20.75
N VAL A 350 -11.81 22.19 -20.05
CA VAL A 350 -10.95 23.07 -19.26
C VAL A 350 -9.60 23.26 -19.93
N THR A 351 -8.99 24.42 -19.71
CA THR A 351 -7.68 24.68 -20.27
C THR A 351 -6.71 24.99 -19.15
N VAL A 352 -5.63 24.22 -19.11
CA VAL A 352 -4.61 24.36 -18.08
C VAL A 352 -3.21 24.46 -18.69
N LEU A 353 -2.27 24.97 -17.92
CA LEU A 353 -0.87 25.03 -18.35
C LEU A 353 -0.36 23.63 -18.59
N ASN A 354 0.51 23.47 -19.57
CA ASN A 354 1.06 22.17 -19.89
C ASN A 354 1.82 21.66 -18.69
N GLY A 355 1.71 20.36 -18.42
CA GLY A 355 2.35 19.79 -17.26
C GLY A 355 1.54 19.94 -15.99
N SER A 356 0.30 20.39 -16.12
CA SER A 356 -0.59 20.51 -14.98
C SER A 356 -1.05 19.13 -14.55
N VAL A 357 -1.43 18.99 -13.30
CA VAL A 357 -1.92 17.70 -12.83
C VAL A 357 -3.44 17.63 -12.86
N PHE A 358 -3.96 16.42 -12.66
CA PHE A 358 -5.40 16.16 -12.66
C PHE A 358 -6.13 17.08 -11.67
N LEU A 359 -5.48 17.36 -10.53
CA LEU A 359 -6.08 18.22 -9.51
C LEU A 359 -6.26 19.64 -10.00
N SER A 360 -5.33 20.13 -10.79
CA SER A 360 -5.40 21.48 -11.34
C SER A 360 -6.63 21.63 -12.24
N VAL A 361 -6.95 20.57 -12.98
CA VAL A 361 -8.13 20.54 -13.82
C VAL A 361 -9.39 20.69 -12.96
N MET A 362 -9.45 19.92 -11.88
CA MET A 362 -10.58 19.96 -10.96
C MET A 362 -10.78 21.35 -10.38
N GLU A 363 -9.67 21.99 -10.01
CA GLU A 363 -9.71 23.32 -9.39
C GLU A 363 -10.18 24.40 -10.36
N LYS A 364 -9.81 24.28 -11.63
CA LYS A 364 -10.27 25.21 -12.65
C LYS A 364 -11.77 25.06 -12.87
N ALA A 365 -12.23 23.82 -12.90
CA ALA A 365 -13.66 23.55 -13.07
C ALA A 365 -14.45 24.06 -11.87
N GLN A 366 -13.86 23.95 -10.69
CA GLN A 366 -14.51 24.44 -9.47
C GLN A 366 -14.72 25.95 -9.53
N LYS A 367 -13.75 26.66 -10.12
CA LYS A 367 -13.85 28.10 -10.28
C LYS A 367 -14.92 28.47 -11.30
N MET A 368 -15.02 27.69 -12.38
CA MET A 368 -16.03 27.93 -13.40
C MET A 368 -17.44 27.75 -12.85
N ASN A 369 -17.57 26.80 -11.93
CA ASN A 369 -18.85 26.44 -11.34
C ASN A 369 -18.72 25.68 -10.04
N ASP A 370 -18.87 26.36 -8.91
CA ASP A 370 -18.67 25.73 -7.61
C ASP A 370 -19.85 24.81 -7.25
N THR A 371 -21.00 25.07 -7.88
CA THR A 371 -22.19 24.28 -7.61
C THR A 371 -22.02 22.86 -8.13
N ILE A 372 -21.46 22.75 -9.34
CA ILE A 372 -21.38 21.47 -10.04
C ILE A 372 -20.01 20.83 -9.89
N PHE A 373 -18.96 21.64 -9.94
CA PHE A 373 -17.60 21.10 -9.91
C PHE A 373 -16.88 21.40 -8.59
N GLY A 374 -17.62 21.88 -7.60
CA GLY A 374 -17.06 22.10 -6.27
C GLY A 374 -16.78 20.78 -5.58
N PHE A 375 -15.57 20.64 -5.05
CA PHE A 375 -15.18 19.38 -4.44
C PHE A 375 -14.51 19.56 -3.09
N THR A 376 -14.44 18.47 -2.33
CA THR A 376 -13.75 18.45 -1.05
C THR A 376 -12.62 17.42 -1.09
N MET A 377 -11.41 17.86 -0.77
CA MET A 377 -10.27 16.97 -0.71
C MET A 377 -9.63 16.99 0.66
N GLU A 378 -9.03 15.86 1.03
CA GLU A 378 -8.29 15.77 2.28
C GLU A 378 -6.85 15.39 2.00
N GLU A 379 -5.92 15.92 2.79
CA GLU A 379 -4.51 15.60 2.63
C GLU A 379 -4.18 14.26 3.28
N ARG A 380 -3.70 13.32 2.48
CA ARG A 380 -3.29 12.02 2.98
C ARG A 380 -1.79 11.88 2.85
N SER A 381 -1.24 10.77 3.32
CA SER A 381 0.18 10.51 3.19
C SER A 381 0.54 10.34 1.72
N TRP A 382 -0.36 9.72 0.97
CA TRP A 382 -0.15 9.52 -0.47
C TRP A 382 -0.30 10.83 -1.23
N GLY A 383 -1.03 11.77 -0.64
CA GLY A 383 -1.27 13.06 -1.26
C GLY A 383 -2.72 13.46 -1.19
N PRO A 384 -3.15 14.37 -2.09
CA PRO A 384 -4.53 14.86 -2.17
C PRO A 384 -5.51 13.74 -2.50
N TYR A 385 -6.48 13.51 -1.63
CA TYR A 385 -7.47 12.47 -1.82
C TYR A 385 -8.85 13.11 -1.96
N ILE A 386 -9.58 12.75 -3.01
CA ILE A 386 -10.91 13.32 -3.26
C ILE A 386 -11.98 12.58 -2.45
N THR A 387 -12.55 13.29 -1.48
CA THR A 387 -13.55 12.69 -0.60
C THR A 387 -14.97 13.04 -1.04
N CYS A 388 -15.20 14.31 -1.38
CA CYS A 388 -16.53 14.77 -1.72
C CYS A 388 -16.56 15.62 -2.97
N ILE A 389 -17.62 15.48 -3.75
CA ILE A 389 -17.94 16.39 -4.85
C ILE A 389 -19.42 16.71 -4.77
N GLN A 390 -19.76 17.99 -4.90
CA GLN A 390 -21.16 18.45 -4.82
C GLN A 390 -21.82 18.08 -3.50
N GLY A 391 -21.02 17.99 -2.43
CA GLY A 391 -21.53 17.62 -1.13
C GLY A 391 -21.73 16.11 -0.99
N LEU A 392 -21.51 15.38 -2.08
CA LEU A 392 -21.60 13.93 -2.06
C LEU A 392 -20.27 13.32 -1.67
N CYS A 393 -20.20 12.78 -0.46
CA CYS A 393 -18.95 12.26 0.09
C CYS A 393 -18.85 10.75 0.04
N ALA A 394 -17.65 10.25 -0.23
CA ALA A 394 -17.36 8.82 -0.23
C ALA A 394 -17.66 8.22 1.14
N ASN A 395 -18.20 7.01 1.15
CA ASN A 395 -18.52 6.32 2.40
C ASN A 395 -17.95 4.90 2.44
N ASN A 396 -17.27 4.59 3.54
CA ASN A 396 -16.61 3.30 3.68
C ASN A 396 -17.60 2.15 3.84
N ASN A 397 -18.56 2.32 4.75
CA ASN A 397 -19.57 1.29 4.98
C ASN A 397 -20.45 1.07 3.76
N ASP A 398 -20.72 2.15 3.02
CA ASP A 398 -21.48 2.06 1.79
C ASP A 398 -20.61 1.52 0.65
N ARG A 399 -19.31 1.41 0.90
CA ARG A 399 -18.36 0.90 -0.08
C ARG A 399 -18.37 1.76 -1.34
N THR A 400 -18.51 3.07 -1.15
CA THR A 400 -18.57 4.01 -2.26
C THR A 400 -17.35 4.94 -2.26
N TYR A 401 -16.95 5.39 -3.44
CA TYR A 401 -15.82 6.31 -3.56
C TYR A 401 -15.80 7.02 -4.90
N TRP A 402 -14.97 8.05 -4.99
CA TRP A 402 -14.77 8.77 -6.24
C TRP A 402 -13.58 8.17 -7.00
N GLU A 403 -13.82 7.78 -8.25
CA GLU A 403 -12.80 7.13 -9.06
C GLU A 403 -12.30 8.08 -10.14
N LEU A 404 -10.98 8.09 -10.34
CA LEU A 404 -10.37 8.95 -11.35
C LEU A 404 -10.09 8.15 -12.62
N LEU A 405 -10.55 8.66 -13.75
CA LEU A 405 -10.38 7.96 -15.03
C LEU A 405 -9.92 8.85 -16.16
N SER A 406 -9.24 8.25 -17.13
CA SER A 406 -8.88 8.94 -18.36
C SER A 406 -9.19 8.02 -19.54
N GLY A 407 -10.15 8.44 -20.37
CA GLY A 407 -10.56 7.64 -21.50
C GLY A 407 -11.22 6.35 -21.06
N GLY A 408 -11.93 6.42 -19.92
CA GLY A 408 -12.67 5.29 -19.41
C GLY A 408 -11.82 4.30 -18.63
N GLU A 409 -10.53 4.61 -18.48
CA GLU A 409 -9.62 3.73 -17.75
C GLU A 409 -9.19 4.37 -16.42
N PRO A 410 -9.22 3.59 -15.33
CA PRO A 410 -8.82 4.10 -14.01
C PRO A 410 -7.35 4.50 -13.94
N LEU A 411 -7.08 5.66 -13.35
CA LEU A 411 -5.71 6.15 -13.21
C LEU A 411 -4.92 5.33 -12.20
N SER A 412 -3.61 5.29 -12.38
CA SER A 412 -2.71 4.62 -11.45
C SER A 412 -2.09 5.64 -10.49
N GLN A 413 -2.48 6.89 -10.64
CA GLN A 413 -1.97 7.97 -9.79
C GLN A 413 -3.11 8.80 -9.23
N GLY A 414 -2.81 9.58 -8.21
CA GLY A 414 -3.78 10.50 -7.64
C GLY A 414 -3.92 11.77 -8.43
N ALA A 415 -4.96 12.54 -8.11
CA ALA A 415 -5.25 13.80 -8.79
C ALA A 415 -4.08 14.79 -8.70
N GLY A 416 -3.35 14.73 -7.59
CA GLY A 416 -2.23 15.62 -7.36
C GLY A 416 -0.96 15.28 -8.12
N SER A 417 -0.94 14.10 -8.75
CA SER A 417 0.28 13.63 -9.41
C SER A 417 0.12 13.31 -10.89
N TYR A 418 -1.10 12.96 -11.31
CA TYR A 418 -1.33 12.56 -12.68
C TYR A 418 -1.22 13.73 -13.66
N VAL A 419 -0.16 13.73 -14.47
CA VAL A 419 0.04 14.78 -15.46
C VAL A 419 -0.85 14.54 -16.68
N VAL A 420 -1.73 15.51 -16.96
CA VAL A 420 -2.72 15.36 -18.01
C VAL A 420 -2.17 15.74 -19.39
N ARG A 421 -2.75 15.16 -20.43
CA ARG A 421 -2.31 15.42 -21.79
C ARG A 421 -3.45 15.98 -22.64
N ASN A 422 -3.11 16.53 -23.80
CA ASN A 422 -4.08 17.17 -24.68
C ASN A 422 -5.12 16.21 -25.22
N GLY A 423 -6.39 16.61 -25.15
CA GLY A 423 -7.48 15.82 -25.70
C GLY A 423 -7.86 14.62 -24.86
N GLU A 424 -7.49 14.65 -23.57
CA GLU A 424 -7.81 13.56 -22.67
C GLU A 424 -9.22 13.66 -22.12
N ASN A 425 -9.93 12.53 -22.12
CA ASN A 425 -11.25 12.46 -21.49
C ASN A 425 -11.13 12.17 -19.99
N LEU A 426 -10.86 13.22 -19.22
CA LEU A 426 -10.72 13.08 -17.78
C LEU A 426 -12.08 12.96 -17.11
N GLU A 427 -12.19 12.07 -16.14
CA GLU A 427 -13.46 11.83 -15.47
C GLU A 427 -13.29 11.47 -14.01
N VAL A 428 -14.13 12.07 -13.16
CA VAL A 428 -14.23 11.65 -11.78
C VAL A 428 -15.59 10.99 -11.59
N ARG A 429 -15.57 9.70 -11.23
CA ARG A 429 -16.77 8.88 -11.25
C ARG A 429 -17.17 8.35 -9.86
N TRP A 430 -18.45 8.50 -9.53
CA TRP A 430 -18.99 7.94 -8.30
C TRP A 430 -19.12 6.42 -8.45
N SER A 431 -18.38 5.67 -7.65
CA SER A 431 -18.28 4.22 -7.85
C SER A 431 -18.41 3.40 -6.57
N LYS A 432 -18.64 2.09 -6.74
CA LYS A 432 -18.76 1.17 -5.62
C LYS A 432 -17.58 0.20 -5.62
N TYR A 433 -17.40 -0.52 -4.52
CA TYR A 433 -16.40 -1.58 -4.50
C TYR A 433 -17.00 -2.85 -5.11
N LEU A 434 -18.33 -2.89 -5.18
CA LEU A 434 -19.08 -4.06 -5.65
C LEU A 434 -18.77 -5.31 -4.82
#